data_8SNP
#
_entry.id   8SNP
#
_cell.length_a   69.500
_cell.length_b   69.500
_cell.length_c   333.641
_cell.angle_alpha   90.000
_cell.angle_beta   90.000
_cell.angle_gamma   120.000
#
_symmetry.space_group_name_H-M   'P 32 2 1'
#
loop_
_entity.id
_entity.type
_entity.pdbx_description
1 polymer Netrin-1
2 branched 2-acetamido-2-deoxy-beta-D-glucopyranose-(1-4)-[alpha-L-fucopyranose-(1-6)]2-acetamido-2-deoxy-beta-D-glucopyranose
3 branched 2-acetamido-2-deoxy-beta-D-glucopyranose-(1-4)-2-acetamido-2-deoxy-beta-D-glucopyranose
4 non-polymer 'SAMARIUM (III) ION'
5 non-polymer 2-acetamido-2-deoxy-beta-D-glucopyranose
#
_entity_poly.entity_id   1
_entity_poly.type   'polypeptide(L)'
_entity_poly.pdbx_seq_one_letter_code
;MMRAVWEALAALAAVACLVGAVRGGPGLSMFAGQAAQPDPCSDENGHPRRCIPDFVNAAFGKDVRVSSTCGRPPARYCVV
SERGEERLRSCHLCNSSDPKKAHPPAFLTDLNNPHNLTCWQSENYLQFPHNVTLTLSLGKKFEVTYVSLQFCSPRPESMA
IYKSMDYGRTWVPFQFYSTQCRKMYNRPHRAPITKQNEQEAVCTDSHTDMRPLSGGLIAFSTLDGRPSAHDFDNSPVLQD
WVTATDIRVAFSRLHTFGDENEDDSELARDSYYYAVSDLQVGGRCKCNGHAARCVRDRDDSLVCDCRHNTAGPECDRCKP
FHYDRPWQRATAREANECVACNCNLHARRCRFNMELYKLSGRKSGGVCLNCRHNTAGRHCHYCKEGFYRDMGKPITHRKA
CKACDCHPVGAAGKTCNQTTGQCPCKDGVTGITCNRCAKGYQQSRSPIAPCIKIPVAPPTTAASSVEEPEDCDSYCKASK
GKLKMNMKKYCRKDYAVQIHILKADKAGDWWKFTVNIISVYKQGTSRIRRGDQSLWIRSRDIACKCPKIKPLKKYLLLGN
AEDSPDQSGIVADKSSLVIQWRDTWARRLRKFQQREKKGKCKKA
;
_entity_poly.pdbx_strand_id   A
#
# COMPACT_ATOMS: atom_id res chain seq x y z
N GLN A 37 5.46 -20.15 14.65
CA GLN A 37 5.57 -19.06 13.64
C GLN A 37 4.44 -19.16 12.62
N PRO A 38 3.20 -19.07 13.07
CA PRO A 38 2.06 -19.35 12.18
C PRO A 38 1.81 -18.18 11.23
N ASP A 39 0.82 -18.37 10.38
CA ASP A 39 0.41 -17.31 9.46
C ASP A 39 -0.17 -16.15 10.23
N PRO A 40 0.39 -14.94 10.12
CA PRO A 40 -0.12 -13.80 10.89
C PRO A 40 -1.35 -13.17 10.27
N CYS A 41 -1.47 -13.29 8.94
CA CYS A 41 -2.69 -12.85 8.27
C CYS A 41 -3.85 -13.77 8.58
N SER A 42 -3.57 -15.07 8.75
CA SER A 42 -4.60 -16.05 9.07
C SER A 42 -4.78 -16.10 10.57
N ASP A 43 -5.90 -15.60 11.04
CA ASP A 43 -6.26 -15.71 12.45
C ASP A 43 -6.50 -17.17 12.78
N GLU A 44 -6.58 -17.48 14.07
CA GLU A 44 -7.09 -18.77 14.46
C GLU A 44 -8.41 -19.03 13.76
N ASN A 45 -8.71 -20.30 13.52
CA ASN A 45 -9.89 -20.67 12.75
C ASN A 45 -9.78 -20.24 11.30
N GLY A 46 -8.56 -20.13 10.78
CA GLY A 46 -8.37 -19.77 9.38
C GLY A 46 -8.99 -18.45 8.97
N HIS A 47 -9.31 -17.60 9.93
CA HIS A 47 -9.99 -16.33 9.66
C HIS A 47 -8.99 -15.27 9.19
N PRO A 48 -9.47 -14.10 8.80
CA PRO A 48 -8.55 -13.01 8.46
C PRO A 48 -8.09 -12.25 9.70
N ARG A 49 -6.84 -11.77 9.62
CA ARG A 49 -6.24 -10.99 10.69
C ARG A 49 -5.28 -10.00 10.03
N ARG A 50 -5.33 -8.74 10.47
CA ARG A 50 -4.41 -7.76 9.91
C ARG A 50 -2.97 -8.20 10.15
N CYS A 51 -2.11 -7.97 9.17
CA CYS A 51 -0.73 -8.44 9.22
C CYS A 51 0.19 -7.41 8.57
N ILE A 52 1.34 -7.18 9.19
CA ILE A 52 2.31 -6.19 8.71
C ILE A 52 3.70 -6.76 8.83
N PRO A 53 4.59 -6.38 7.91
CA PRO A 53 5.94 -6.95 7.92
C PRO A 53 6.73 -6.56 9.15
N ASP A 54 7.77 -7.35 9.43
CA ASP A 54 8.70 -7.01 10.51
C ASP A 54 9.16 -5.57 10.36
N PHE A 55 9.30 -4.88 11.50
CA PHE A 55 9.90 -3.56 11.51
C PHE A 55 11.40 -3.67 11.33
N VAL A 56 11.97 -2.77 10.52
CA VAL A 56 13.34 -2.91 10.06
C VAL A 56 14.01 -1.53 10.01
N ASN A 57 15.33 -1.55 9.86
CA ASN A 57 16.06 -0.39 9.38
C ASN A 57 16.20 -0.56 7.88
N ALA A 58 15.34 0.13 7.12
CA ALA A 58 15.30 -0.09 5.68
C ALA A 58 16.60 0.35 5.01
N ALA A 59 17.31 1.31 5.60
CA ALA A 59 18.57 1.75 5.01
C ALA A 59 19.65 0.67 5.11
N PHE A 60 19.57 -0.19 6.11
CA PHE A 60 20.66 -1.13 6.38
C PHE A 60 21.08 -1.87 5.12
N GLY A 61 22.39 -1.92 4.89
CA GLY A 61 22.96 -2.69 3.81
C GLY A 61 22.81 -2.07 2.43
N LYS A 62 21.75 -1.29 2.26
CA LYS A 62 21.43 -0.73 0.94
C LYS A 62 22.43 0.35 0.56
N ASP A 63 22.62 0.53 -0.74
CA ASP A 63 23.62 1.45 -1.27
C ASP A 63 23.04 2.86 -1.34
N VAL A 64 23.75 3.81 -0.70
CA VAL A 64 23.31 5.19 -0.58
C VAL A 64 24.10 6.03 -1.58
N ARG A 65 23.47 7.09 -2.09
CA ARG A 65 24.05 7.93 -3.13
C ARG A 65 24.36 9.29 -2.54
N VAL A 66 25.65 9.61 -2.44
CA VAL A 66 26.14 10.80 -1.75
C VAL A 66 26.76 11.73 -2.79
N SER A 67 26.51 13.05 -2.62
CA SER A 67 27.01 14.00 -3.60
C SER A 67 28.52 14.16 -3.51
N SER A 68 29.09 14.01 -2.32
CA SER A 68 30.51 14.25 -2.10
C SER A 68 31.10 13.16 -1.22
N THR A 69 32.28 12.69 -1.60
CA THR A 69 33.02 11.72 -0.82
C THR A 69 34.50 12.04 -0.87
N CYS A 70 35.13 12.16 0.31
CA CYS A 70 36.56 12.40 0.34
C CYS A 70 37.30 11.19 -0.24
N GLY A 71 38.58 11.38 -0.50
CA GLY A 71 39.47 10.34 -0.95
C GLY A 71 39.86 10.42 -2.42
N ARG A 72 39.11 11.18 -3.21
CA ARG A 72 39.35 11.28 -4.66
C ARG A 72 39.41 12.75 -5.05
N PRO A 73 40.62 13.33 -5.17
CA PRO A 73 41.95 12.73 -4.91
C PRO A 73 42.30 12.77 -3.42
N PRO A 74 43.22 11.92 -2.97
CA PRO A 74 43.54 11.87 -1.54
C PRO A 74 43.87 13.24 -0.97
N ALA A 75 43.41 13.48 0.25
CA ALA A 75 43.58 14.78 0.90
C ALA A 75 43.50 14.61 2.40
N ARG A 76 44.28 15.44 3.11
CA ARG A 76 44.34 15.40 4.57
C ARG A 76 43.21 16.23 5.18
N TYR A 77 42.65 15.72 6.27
CA TYR A 77 41.54 16.37 6.96
C TYR A 77 41.92 16.60 8.40
N CYS A 78 41.74 17.82 8.89
CA CYS A 78 41.98 18.14 10.28
C CYS A 78 40.68 18.00 11.07
N VAL A 79 40.83 17.63 12.34
CA VAL A 79 39.79 16.92 13.08
C VAL A 79 39.30 17.68 14.30
N VAL A 80 39.88 18.85 14.60
CA VAL A 80 39.39 19.72 15.66
C VAL A 80 37.88 19.62 15.85
N ARG A 87 43.24 22.75 22.13
CA ARG A 87 44.35 22.55 21.19
C ARG A 87 44.21 21.20 20.48
N LEU A 88 43.17 21.05 19.67
CA LEU A 88 42.85 19.81 18.98
C LEU A 88 43.13 19.97 17.49
N ARG A 89 44.31 19.53 17.06
CA ARG A 89 44.65 19.48 15.64
C ARG A 89 45.47 18.21 15.44
N SER A 90 44.80 17.14 14.98
CA SER A 90 45.42 15.82 14.77
C SER A 90 44.87 15.30 13.45
N CYS A 91 45.44 15.78 12.35
CA CYS A 91 44.89 15.56 11.02
C CYS A 91 45.38 14.23 10.46
N HIS A 92 44.46 13.47 9.84
CA HIS A 92 44.77 12.19 9.20
C HIS A 92 44.44 12.25 7.70
N LEU A 93 44.70 11.15 7.00
CA LEU A 93 44.59 11.09 5.55
C LEU A 93 43.33 10.34 5.14
N CYS A 94 42.57 10.94 4.20
CA CYS A 94 41.47 10.26 3.52
C CYS A 94 41.91 10.00 2.08
N ASN A 95 42.20 8.75 1.77
CA ASN A 95 42.59 8.32 0.43
C ASN A 95 41.61 7.25 -0.02
N SER A 96 40.81 7.54 -1.05
CA SER A 96 39.76 6.62 -1.46
C SER A 96 40.34 5.30 -1.90
N SER A 97 41.44 5.34 -2.65
CA SER A 97 42.09 4.10 -3.09
C SER A 97 42.58 3.30 -1.88
N ASP A 98 43.39 3.93 -1.03
CA ASP A 98 43.92 3.30 0.18
C ASP A 98 42.78 2.80 1.05
N PRO A 99 42.55 1.48 1.10
CA PRO A 99 41.33 1.00 1.78
C PRO A 99 41.26 1.38 3.25
N LYS A 100 42.35 1.19 3.99
CA LYS A 100 42.34 1.47 5.42
C LYS A 100 42.18 2.94 5.74
N LYS A 101 42.29 3.83 4.74
CA LYS A 101 42.21 5.27 4.95
C LYS A 101 41.13 5.90 4.06
N ALA A 102 40.16 5.13 3.61
CA ALA A 102 39.06 5.62 2.81
C ALA A 102 37.80 5.77 3.67
N HIS A 103 36.88 6.62 3.19
CA HIS A 103 35.61 6.87 3.88
C HIS A 103 34.49 6.93 2.85
N PRO A 104 34.18 5.79 2.22
CA PRO A 104 33.16 5.76 1.16
C PRO A 104 31.75 5.85 1.73
N PRO A 105 30.74 6.03 0.86
CA PRO A 105 29.35 6.02 1.34
C PRO A 105 28.90 4.67 1.86
N ALA A 106 29.51 3.57 1.43
CA ALA A 106 29.20 2.26 1.98
C ALA A 106 29.25 2.29 3.50
N PHE A 107 30.21 3.02 4.06
CA PHE A 107 30.36 3.10 5.50
C PHE A 107 29.07 3.56 6.18
N LEU A 108 28.29 4.42 5.51
CA LEU A 108 27.11 5.00 6.12
C LEU A 108 26.16 3.95 6.69
N THR A 109 26.03 2.80 6.03
CA THR A 109 24.94 1.89 6.32
C THR A 109 25.38 0.55 6.92
N ASP A 110 26.64 0.18 6.80
CA ASP A 110 27.11 -1.10 7.31
C ASP A 110 27.01 -1.13 8.84
N LEU A 111 27.44 -2.26 9.42
CA LEU A 111 27.40 -2.43 10.87
C LEU A 111 28.16 -1.30 11.57
N ASN A 112 27.61 -0.83 12.68
CA ASN A 112 28.26 0.19 13.50
C ASN A 112 28.33 -0.28 14.95
N ASN A 113 29.52 -0.71 15.37
CA ASN A 113 29.83 -0.94 16.77
C ASN A 113 30.80 0.14 17.24
N PRO A 114 30.59 0.73 18.42
CA PRO A 114 31.51 1.76 18.90
C PRO A 114 32.98 1.43 18.70
N HIS A 115 33.32 0.16 18.88
CA HIS A 115 34.67 -0.33 18.67
C HIS A 115 34.89 -0.59 17.20
N ASN A 116 36.04 -0.15 16.67
CA ASN A 116 36.31 -0.30 15.24
C ASN A 116 35.21 0.32 14.40
N LEU A 117 34.58 1.38 14.92
CA LEU A 117 33.50 2.04 14.19
C LEU A 117 33.99 2.50 12.82
N THR A 118 33.03 2.77 11.93
CA THR A 118 33.29 3.05 10.52
C THR A 118 32.43 4.22 10.09
N CYS A 119 32.94 5.06 9.17
CA CYS A 119 32.36 6.38 8.97
C CYS A 119 32.66 6.94 7.59
N TRP A 120 31.62 7.38 6.88
CA TRP A 120 31.75 8.10 5.63
C TRP A 120 32.18 9.53 5.89
N GLN A 121 32.80 10.16 4.89
CA GLN A 121 33.26 11.54 5.04
C GLN A 121 33.12 12.28 3.73
N SER A 122 32.39 13.40 3.76
CA SER A 122 32.21 14.23 2.59
C SER A 122 33.56 14.81 2.16
N GLU A 123 33.59 15.34 0.94
CA GLU A 123 34.79 16.02 0.46
C GLU A 123 34.99 17.31 1.26
N ASN A 124 36.24 17.79 1.26
CA ASN A 124 36.66 18.84 2.18
C ASN A 124 36.64 20.22 1.55
N TYR A 125 36.87 21.24 2.39
CA TYR A 125 36.98 22.64 1.98
C TYR A 125 35.68 23.17 1.38
N LEU A 126 34.57 22.79 1.98
CA LEU A 126 33.25 23.19 1.47
C LEU A 126 33.07 24.70 1.60
N GLN A 127 32.52 25.33 0.57
CA GLN A 127 32.19 26.74 0.64
C GLN A 127 30.94 26.91 1.50
N PHE A 128 30.40 28.14 1.54
CA PHE A 128 29.16 28.29 2.29
C PHE A 128 27.93 27.81 1.52
N PRO A 129 27.76 28.21 0.24
CA PRO A 129 26.54 27.84 -0.48
C PRO A 129 26.16 26.37 -0.40
N HIS A 130 27.12 25.51 -0.08
CA HIS A 130 26.96 24.07 -0.22
C HIS A 130 25.69 23.53 0.41
N ASN A 131 25.11 22.51 -0.24
CA ASN A 131 24.21 21.53 0.38
C ASN A 131 24.70 20.14 -0.01
N VAL A 132 25.23 19.38 0.97
CA VAL A 132 25.68 18.01 0.73
C VAL A 132 24.52 17.07 0.99
N THR A 133 24.29 16.14 0.07
CA THR A 133 23.07 15.34 0.06
C THR A 133 23.39 13.85 0.06
N LEU A 134 22.67 13.12 0.91
CA LEU A 134 22.64 11.66 0.88
C LEU A 134 21.22 11.26 0.44
N THR A 135 21.12 10.49 -0.64
CA THR A 135 19.84 10.03 -1.15
C THR A 135 19.76 8.51 -1.02
N LEU A 136 18.61 8.03 -0.53
CA LEU A 136 18.34 6.61 -0.33
C LEU A 136 17.11 6.24 -1.14
N SER A 137 17.19 5.14 -1.90
CA SER A 137 16.09 4.68 -2.73
C SER A 137 15.67 3.29 -2.31
N LEU A 138 14.49 3.18 -1.70
CA LEU A 138 13.98 1.89 -1.28
C LEU A 138 13.31 1.13 -2.43
N GLY A 139 12.75 1.86 -3.39
CA GLY A 139 12.08 1.22 -4.51
C GLY A 139 10.77 0.57 -4.16
N LYS A 140 10.11 1.04 -3.10
CA LYS A 140 8.85 0.51 -2.61
C LYS A 140 8.38 1.46 -1.52
N LYS A 141 7.05 1.56 -1.37
CA LYS A 141 6.49 2.48 -0.38
C LYS A 141 6.68 1.89 1.02
N PHE A 142 7.12 2.75 1.95
CA PHE A 142 7.39 2.34 3.32
C PHE A 142 6.71 3.28 4.30
N GLU A 143 6.44 2.76 5.50
CA GLU A 143 5.92 3.56 6.61
C GLU A 143 7.08 3.82 7.55
N VAL A 144 7.68 5.00 7.48
CA VAL A 144 8.91 5.29 8.22
C VAL A 144 8.56 5.95 9.55
N THR A 145 9.04 5.35 10.64
CA THR A 145 8.85 5.86 11.99
C THR A 145 9.92 6.89 12.35
N TYR A 146 11.16 6.68 11.90
CA TYR A 146 12.25 7.58 12.25
C TYR A 146 13.29 7.61 11.14
N VAL A 147 14.13 8.64 11.18
CA VAL A 147 15.31 8.77 10.35
C VAL A 147 16.43 9.29 11.23
N SER A 148 17.49 8.49 11.42
CA SER A 148 18.53 8.82 12.38
C SER A 148 19.90 8.76 11.73
N LEU A 149 20.75 9.74 12.06
CA LEU A 149 22.13 9.79 11.65
C LEU A 149 23.01 9.97 12.87
N GLN A 150 24.20 9.37 12.81
CA GLN A 150 25.21 9.52 13.85
C GLN A 150 26.48 9.99 13.17
N PHE A 151 26.97 11.16 13.57
CA PHE A 151 28.12 11.79 12.94
C PHE A 151 29.41 11.47 13.70
N CYS A 152 30.50 11.41 12.94
CA CYS A 152 31.84 11.44 13.51
C CYS A 152 32.40 12.86 13.50
N SER A 153 31.97 13.67 12.54
CA SER A 153 32.24 15.09 12.51
C SER A 153 31.27 15.79 13.45
N PRO A 154 31.39 17.11 13.63
CA PRO A 154 30.37 17.83 14.39
C PRO A 154 29.08 17.90 13.59
N ARG A 155 27.98 17.89 14.31
CA ARG A 155 26.67 17.93 13.66
C ARG A 155 26.57 19.19 12.79
N PRO A 156 25.85 19.14 11.68
CA PRO A 156 25.64 20.34 10.88
C PRO A 156 24.85 21.39 11.66
N GLU A 157 25.08 22.65 11.31
CA GLU A 157 24.24 23.72 11.85
C GLU A 157 22.93 23.83 11.10
N SER A 158 22.91 23.35 9.85
CA SER A 158 21.70 23.32 9.03
C SER A 158 21.68 22.02 8.24
N MET A 159 20.60 21.25 8.38
CA MET A 159 20.31 20.17 7.45
C MET A 159 18.81 20.04 7.34
N ALA A 160 18.38 19.15 6.46
CA ALA A 160 16.97 19.03 6.12
C ALA A 160 16.72 17.62 5.63
N ILE A 161 15.63 17.02 6.09
CA ILE A 161 15.24 15.67 5.67
C ILE A 161 14.09 15.78 4.68
N TYR A 162 14.16 14.98 3.63
CA TYR A 162 13.19 14.99 2.55
C TYR A 162 12.75 13.56 2.28
N LYS A 163 11.66 13.43 1.53
CA LYS A 163 11.16 12.13 1.12
C LYS A 163 10.61 12.23 -0.30
N SER A 164 10.71 11.13 -1.02
CA SER A 164 10.02 10.97 -2.30
C SER A 164 8.93 9.93 -2.12
N MET A 165 7.70 10.30 -2.43
CA MET A 165 6.60 9.36 -2.51
C MET A 165 6.44 8.77 -3.90
N ASP A 166 7.22 9.27 -4.87
CA ASP A 166 6.98 9.04 -6.29
C ASP A 166 8.20 8.46 -6.99
N TYR A 167 9.06 7.78 -6.25
CA TYR A 167 10.16 6.99 -6.81
C TYR A 167 11.27 7.87 -7.37
N GLY A 168 11.40 9.07 -6.82
CA GLY A 168 12.56 9.92 -7.03
C GLY A 168 12.33 11.15 -7.87
N ARG A 169 11.13 11.34 -8.42
CA ARG A 169 10.89 12.48 -9.31
C ARG A 169 10.78 13.77 -8.53
N THR A 170 9.96 13.77 -7.47
CA THR A 170 9.75 14.94 -6.64
C THR A 170 9.94 14.55 -5.17
N TRP A 171 10.27 15.57 -4.38
CA TRP A 171 10.63 15.41 -2.98
C TRP A 171 9.79 16.33 -2.12
N VAL A 172 9.71 16.01 -0.84
CA VAL A 172 8.86 16.73 0.08
C VAL A 172 9.59 17.03 1.37
N PRO A 173 9.45 18.24 1.92
CA PRO A 173 10.02 18.53 3.24
C PRO A 173 9.48 17.57 4.30
N PHE A 174 10.41 16.94 5.03
CA PHE A 174 10.07 16.02 6.11
C PHE A 174 10.40 16.59 7.48
N GLN A 175 11.61 17.11 7.65
CA GLN A 175 12.04 17.77 8.88
C GLN A 175 13.13 18.78 8.51
N PHE A 176 13.19 19.88 9.25
CA PHE A 176 14.26 20.84 9.10
C PHE A 176 14.96 21.03 10.43
N TYR A 177 16.28 21.27 10.35
CA TYR A 177 17.12 21.50 11.51
C TYR A 177 18.00 22.70 11.21
N SER A 178 17.91 23.73 12.04
CA SER A 178 18.76 24.91 11.89
C SER A 178 18.58 25.84 13.08
N THR A 179 19.58 26.69 13.30
CA THR A 179 19.47 27.76 14.28
C THR A 179 18.75 28.96 13.67
N GLN A 180 19.15 29.34 12.46
CA GLN A 180 18.50 30.40 11.69
C GLN A 180 17.48 29.74 10.78
N CYS A 181 16.27 29.55 11.31
CA CYS A 181 15.25 28.86 10.54
C CYS A 181 14.73 29.72 9.40
N ARG A 182 14.30 30.95 9.71
CA ARG A 182 13.75 31.82 8.68
C ARG A 182 14.77 32.11 7.59
N LYS A 183 16.06 32.19 7.93
CA LYS A 183 17.05 32.56 6.94
C LYS A 183 17.37 31.39 6.01
N MET A 184 17.67 30.23 6.57
CA MET A 184 18.20 29.13 5.79
C MET A 184 17.12 28.43 4.99
N TYR A 185 16.08 27.95 5.67
CA TYR A 185 15.03 27.15 5.07
C TYR A 185 13.73 27.91 4.94
N ASN A 186 13.70 29.19 5.34
CA ASN A 186 12.50 30.02 5.23
C ASN A 186 11.32 29.36 5.94
N ARG A 187 11.53 29.02 7.20
CA ARG A 187 10.53 28.32 7.99
C ARG A 187 10.42 28.95 9.38
N PRO A 188 9.20 29.09 9.88
CA PRO A 188 9.04 29.43 11.31
C PRO A 188 9.79 28.45 12.20
N HIS A 189 10.40 28.99 13.25
CA HIS A 189 11.15 28.16 14.20
C HIS A 189 10.17 27.52 15.18
N ARG A 190 10.20 26.20 15.28
CA ARG A 190 9.36 25.45 16.21
C ARG A 190 7.88 25.77 16.00
N ALA A 191 7.47 25.76 14.73
CA ALA A 191 6.08 26.01 14.39
C ALA A 191 5.18 24.99 15.09
N PRO A 192 3.98 25.38 15.49
CA PRO A 192 3.05 24.42 16.10
C PRO A 192 2.33 23.60 15.04
N ILE A 193 1.75 22.49 15.48
CA ILE A 193 1.19 21.47 14.59
C ILE A 193 -0.28 21.24 14.96
N THR A 194 -1.17 21.94 14.29
CA THR A 194 -2.59 21.76 14.60
C THR A 194 -3.08 20.41 14.09
N LYS A 195 -4.33 20.08 14.45
CA LYS A 195 -4.97 18.89 13.89
C LYS A 195 -5.03 18.98 12.37
N GLN A 196 -5.28 20.18 11.85
CA GLN A 196 -4.96 20.50 10.46
C GLN A 196 -3.48 20.86 10.37
N ASN A 197 -2.96 20.94 9.14
CA ASN A 197 -1.58 21.36 8.94
C ASN A 197 -0.62 20.53 9.79
N GLU A 198 -0.89 19.23 9.90
CA GLU A 198 0.00 18.32 10.60
C GLU A 198 0.78 17.43 9.64
N GLN A 199 0.73 17.74 8.34
CA GLN A 199 1.74 17.30 7.38
C GLN A 199 2.83 18.34 7.22
N GLU A 200 3.06 19.12 8.26
CA GLU A 200 4.00 20.23 8.24
C GLU A 200 5.39 19.74 8.61
N ALA A 201 6.38 20.16 7.83
CA ALA A 201 7.77 19.87 8.11
C ALA A 201 8.33 21.04 8.91
N VAL A 202 8.66 20.80 10.17
CA VAL A 202 9.02 21.88 11.08
C VAL A 202 10.53 22.10 11.08
N CYS A 203 10.91 23.33 11.39
CA CYS A 203 12.29 23.71 11.63
C CYS A 203 12.51 23.83 13.14
N THR A 204 13.68 23.40 13.60
CA THR A 204 13.95 23.41 15.03
C THR A 204 15.44 23.55 15.29
N ASP A 205 15.75 24.08 16.46
CA ASP A 205 17.11 24.14 16.98
C ASP A 205 17.46 22.92 17.82
N SER A 206 16.66 21.87 17.73
CA SER A 206 16.85 20.68 18.56
C SER A 206 18.26 20.11 18.41
N HIS A 207 18.78 20.07 17.18
CA HIS A 207 20.11 19.54 16.95
C HIS A 207 21.17 20.33 17.70
N THR A 208 20.99 21.66 17.83
CA THR A 208 21.97 22.52 18.49
C THR A 208 21.94 22.28 19.99
N ASP A 209 22.98 21.62 20.50
CA ASP A 209 23.11 21.33 21.93
C ASP A 209 24.55 21.52 22.37
N PRO A 212 29.15 16.86 21.37
CA PRO A 212 28.48 17.41 20.19
C PRO A 212 29.43 17.60 19.02
N LEU A 213 30.57 18.25 19.29
CA LEU A 213 31.56 18.47 18.25
C LEU A 213 32.30 17.18 17.91
N SER A 214 32.60 16.36 18.91
CA SER A 214 33.30 15.10 18.66
C SER A 214 32.46 14.07 17.94
N GLY A 215 31.16 14.28 17.84
CA GLY A 215 30.27 13.34 17.17
C GLY A 215 28.84 13.54 17.65
N GLY A 216 28.04 12.49 17.52
CA GLY A 216 26.74 12.45 18.17
C GLY A 216 25.61 12.42 17.12
N LEU A 217 24.44 11.98 17.60
CA LEU A 217 23.32 11.64 16.73
C LEU A 217 22.29 12.77 16.67
N ILE A 218 21.46 12.70 15.63
CA ILE A 218 20.30 13.56 15.44
C ILE A 218 19.24 12.70 14.74
N ALA A 219 18.13 12.45 15.44
CA ALA A 219 17.11 11.54 14.95
C ALA A 219 15.77 12.26 14.85
N PHE A 220 14.97 11.82 13.87
CA PHE A 220 13.73 12.50 13.51
C PHE A 220 12.58 11.50 13.58
N SER A 221 11.66 11.73 14.52
CA SER A 221 10.43 10.96 14.57
C SER A 221 9.38 11.60 13.66
N THR A 222 8.81 10.78 12.78
CA THR A 222 7.77 11.27 11.87
C THR A 222 6.47 11.50 12.63
N LEU A 223 6.12 10.58 13.52
CA LEU A 223 4.84 10.65 14.22
C LEU A 223 4.89 11.59 15.42
N ASP A 224 6.05 11.69 16.07
CA ASP A 224 6.16 12.53 17.25
C ASP A 224 5.71 13.95 16.93
N GLY A 225 4.99 14.55 17.88
CA GLY A 225 4.50 15.89 17.75
C GLY A 225 3.11 16.01 17.14
N ARG A 226 2.75 15.08 16.27
CA ARG A 226 1.45 15.16 15.61
C ARG A 226 0.34 14.85 16.62
N PRO A 227 -0.82 15.51 16.49
CA PRO A 227 -1.92 15.23 17.43
C PRO A 227 -2.61 13.92 17.16
N SER A 228 -2.67 13.50 15.89
CA SER A 228 -3.45 12.35 15.48
C SER A 228 -2.63 11.06 15.47
N ALA A 229 -1.52 11.01 16.21
CA ALA A 229 -0.81 9.77 16.43
C ALA A 229 -1.45 8.92 17.51
N HIS A 230 -2.50 9.43 18.18
CA HIS A 230 -3.26 8.62 19.12
C HIS A 230 -3.77 7.36 18.44
N ASP A 231 -4.42 7.50 17.30
CA ASP A 231 -4.95 6.36 16.53
C ASP A 231 -4.52 6.51 15.07
N PHE A 232 -3.20 6.39 14.84
CA PHE A 232 -2.69 6.33 13.48
C PHE A 232 -3.34 5.19 12.70
N ASP A 233 -3.68 4.10 13.37
CA ASP A 233 -4.25 2.93 12.71
C ASP A 233 -5.44 3.31 11.84
N ASN A 234 -6.12 4.39 12.17
CA ASN A 234 -7.26 4.91 11.43
C ASN A 234 -7.12 6.41 11.25
N SER A 235 -5.96 6.83 10.75
CA SER A 235 -5.70 8.22 10.44
C SER A 235 -5.29 8.29 8.96
N PRO A 236 -6.03 9.02 8.12
CA PRO A 236 -5.78 8.94 6.67
C PRO A 236 -4.58 9.76 6.23
N VAL A 237 -4.24 10.79 7.00
CA VAL A 237 -3.20 11.73 6.63
C VAL A 237 -1.86 11.35 7.24
N LEU A 238 -1.87 10.87 8.49
CA LEU A 238 -0.64 10.38 9.08
C LEU A 238 -0.18 9.10 8.39
N GLN A 239 -1.12 8.28 7.93
CA GLN A 239 -0.76 7.12 7.13
C GLN A 239 -0.15 7.56 5.80
N ASP A 240 -0.48 8.75 5.33
CA ASP A 240 0.15 9.30 4.14
C ASP A 240 1.46 10.00 4.48
N TRP A 241 1.49 10.76 5.57
CA TRP A 241 2.73 11.43 5.99
C TRP A 241 3.88 10.43 6.07
N VAL A 242 3.70 9.33 6.82
CA VAL A 242 4.73 8.33 6.97
C VAL A 242 4.67 7.39 5.77
N THR A 243 5.02 7.88 4.60
CA THR A 243 5.16 7.02 3.43
C THR A 243 6.25 7.63 2.55
N ALA A 244 7.18 6.78 2.12
CA ALA A 244 8.30 7.26 1.33
C ALA A 244 8.84 6.11 0.50
N THR A 245 9.17 6.40 -0.75
CA THR A 245 9.86 5.47 -1.62
C THR A 245 11.33 5.79 -1.75
N ASP A 246 11.73 7.00 -1.38
CA ASP A 246 13.11 7.44 -1.31
C ASP A 246 13.22 8.44 -0.17
N ILE A 247 14.41 8.54 0.43
CA ILE A 247 14.67 9.48 1.52
C ILE A 247 15.95 10.23 1.18
N ARG A 248 15.95 11.54 1.45
CA ARG A 248 17.10 12.40 1.17
C ARG A 248 17.31 13.36 2.32
N VAL A 249 18.53 13.38 2.85
CA VAL A 249 18.93 14.28 3.93
C VAL A 249 20.06 15.16 3.41
N ALA A 250 19.92 16.47 3.61
CA ALA A 250 20.78 17.45 2.95
C ALA A 250 21.36 18.41 3.98
N PHE A 251 22.63 18.22 4.32
CA PHE A 251 23.35 19.19 5.14
C PHE A 251 23.67 20.42 4.30
N SER A 252 23.40 21.62 4.84
CA SER A 252 23.59 22.84 4.08
C SER A 252 24.44 23.91 4.75
N ARG A 253 24.81 23.76 6.03
CA ARG A 253 25.77 24.68 6.63
C ARG A 253 26.46 23.99 7.82
N LEU A 254 27.75 24.26 7.97
CA LEU A 254 28.58 23.63 8.98
C LEU A 254 28.58 24.44 10.27
N HIS A 255 29.14 23.84 11.32
CA HIS A 255 29.26 24.51 12.62
C HIS A 255 30.67 25.06 12.73
N THR A 256 30.84 26.32 12.32
CA THR A 256 32.14 26.98 12.38
C THR A 256 32.48 27.41 13.81
N GLU A 260 35.69 33.26 12.12
CA GLU A 260 35.75 34.71 12.22
C GLU A 260 36.64 35.19 13.33
N ASN A 261 36.49 34.61 14.51
CA ASN A 261 37.39 34.92 15.61
C ASN A 261 38.83 34.79 15.13
N GLU A 262 39.10 33.70 14.41
CA GLU A 262 40.42 33.52 13.82
C GLU A 262 40.54 34.36 12.56
N ASP A 263 39.70 34.08 11.56
CA ASP A 263 39.79 34.84 10.32
C ASP A 263 38.42 34.83 9.61
N ASP A 264 37.57 35.75 10.01
CA ASP A 264 36.36 36.07 9.23
C ASP A 264 35.56 34.82 8.82
N SER A 265 34.88 34.93 7.68
CA SER A 265 33.74 34.08 7.41
C SER A 265 33.76 33.49 6.00
N GLU A 266 34.87 33.65 5.26
CA GLU A 266 34.82 33.40 3.84
C GLU A 266 35.40 32.07 3.38
N LEU A 267 36.74 31.93 3.38
CA LEU A 267 37.32 30.73 2.81
C LEU A 267 37.34 29.62 3.84
N ALA A 268 37.60 28.41 3.37
CA ALA A 268 37.46 27.22 4.17
C ALA A 268 38.83 26.64 4.50
N ARG A 269 38.81 25.64 5.38
CA ARG A 269 40.01 25.06 5.96
C ARG A 269 39.86 23.54 5.94
N ASP A 270 40.89 22.85 6.43
CA ASP A 270 40.90 21.39 6.39
C ASP A 270 39.70 20.77 7.09
N SER A 271 39.08 21.49 8.02
CA SER A 271 38.07 20.91 8.90
C SER A 271 36.65 21.18 8.44
N TYR A 272 36.46 21.71 7.23
CA TYR A 272 35.14 21.97 6.68
C TYR A 272 34.73 20.73 5.89
N TYR A 273 34.12 19.77 6.59
CA TYR A 273 33.65 18.53 5.97
C TYR A 273 32.61 17.93 6.90
N TYR A 274 31.83 16.99 6.36
CA TYR A 274 30.90 16.21 7.16
C TYR A 274 31.32 14.75 7.22
N ALA A 275 30.97 14.09 8.32
CA ALA A 275 31.23 12.66 8.46
C ALA A 275 30.06 12.01 9.20
N VAL A 276 29.60 10.88 8.69
CA VAL A 276 28.47 10.15 9.25
C VAL A 276 28.87 8.68 9.34
N SER A 277 28.58 8.06 10.48
CA SER A 277 28.91 6.66 10.71
C SER A 277 27.76 5.71 10.45
N ASP A 278 26.55 6.03 10.92
CA ASP A 278 25.40 5.15 10.74
C ASP A 278 24.16 5.95 10.39
N LEU A 279 23.57 5.60 9.25
CA LEU A 279 22.30 6.13 8.80
C LEU A 279 21.23 5.07 9.02
N GLN A 280 20.08 5.49 9.54
CA GLN A 280 18.96 4.59 9.71
C GLN A 280 17.66 5.29 9.35
N VAL A 281 16.84 4.58 8.57
CA VAL A 281 15.43 4.90 8.42
C VAL A 281 14.65 3.72 8.95
N GLY A 282 13.90 3.94 10.03
CA GLY A 282 13.16 2.88 10.68
C GLY A 282 11.71 2.91 10.24
N GLY A 283 11.18 1.72 9.93
CA GLY A 283 9.83 1.63 9.42
C GLY A 283 9.57 0.25 8.85
N ARG A 284 8.33 0.08 8.41
CA ARG A 284 7.86 -1.18 7.84
C ARG A 284 7.51 -0.98 6.38
N CYS A 285 7.45 -2.10 5.65
CA CYS A 285 7.00 -2.07 4.26
C CYS A 285 5.50 -1.73 4.20
N LYS A 286 5.16 -0.82 3.28
CA LYS A 286 3.79 -0.31 3.17
C LYS A 286 2.90 -1.37 2.55
N CYS A 287 2.15 -2.08 3.39
CA CYS A 287 1.30 -3.16 2.93
C CYS A 287 -0.17 -2.95 3.29
N ASN A 288 -0.51 -1.86 3.96
CA ASN A 288 -1.88 -1.58 4.37
C ASN A 288 -2.44 -2.66 5.29
N GLY A 289 -1.57 -3.47 5.88
CA GLY A 289 -2.01 -4.52 6.77
C GLY A 289 -2.57 -5.75 6.10
N HIS A 290 -2.45 -5.86 4.78
CA HIS A 290 -2.91 -7.03 4.04
C HIS A 290 -1.78 -7.95 3.61
N ALA A 291 -0.61 -7.85 4.23
CA ALA A 291 0.50 -8.70 3.85
C ALA A 291 1.48 -8.83 5.01
N ALA A 292 2.03 -10.03 5.18
CA ALA A 292 2.92 -10.34 6.28
C ALA A 292 4.37 -9.98 6.01
N ARG A 293 4.71 -9.63 4.77
CA ARG A 293 6.10 -9.39 4.39
C ARG A 293 6.11 -8.84 2.98
N CYS A 294 7.19 -8.15 2.64
CA CYS A 294 7.49 -7.80 1.26
C CYS A 294 8.48 -8.82 0.73
N VAL A 295 8.57 -8.91 -0.60
CA VAL A 295 9.40 -9.95 -1.20
C VAL A 295 9.59 -9.68 -2.69
N ARG A 296 10.69 -10.20 -3.24
CA ARG A 296 11.09 -9.85 -4.60
C ARG A 296 10.17 -10.51 -5.62
N ASP A 297 9.52 -9.66 -6.42
CA ASP A 297 8.64 -10.09 -7.50
C ASP A 297 9.46 -10.74 -8.61
N ARG A 298 8.77 -11.21 -9.64
CA ARG A 298 9.43 -11.35 -10.92
C ARG A 298 10.21 -10.06 -11.16
N ASP A 299 11.44 -10.19 -11.65
CA ASP A 299 12.31 -9.06 -12.03
C ASP A 299 12.61 -8.10 -10.87
N ASP A 300 12.81 -8.66 -9.68
CA ASP A 300 13.44 -7.94 -8.56
C ASP A 300 12.75 -6.62 -8.20
N SER A 301 11.43 -6.51 -8.36
CA SER A 301 10.71 -5.31 -7.93
C SER A 301 10.00 -5.66 -6.62
N LEU A 302 10.65 -5.34 -5.50
CA LEU A 302 10.17 -5.77 -4.19
C LEU A 302 8.74 -5.29 -3.97
N VAL A 303 7.90 -6.17 -3.44
CA VAL A 303 6.47 -5.91 -3.37
C VAL A 303 5.85 -6.78 -2.28
N CYS A 304 4.80 -6.26 -1.65
CA CYS A 304 4.06 -7.01 -0.65
C CYS A 304 3.62 -8.37 -1.21
N ASP A 305 3.86 -9.43 -0.44
CA ASP A 305 3.19 -10.69 -0.69
C ASP A 305 1.76 -10.53 -0.20
N CYS A 306 0.86 -10.18 -1.12
CA CYS A 306 -0.44 -9.72 -0.70
C CYS A 306 -1.31 -10.88 -0.25
N ARG A 307 -2.20 -10.58 0.68
CA ARG A 307 -3.09 -11.56 1.28
C ARG A 307 -4.44 -10.87 1.45
N HIS A 308 -5.40 -11.58 2.04
CA HIS A 308 -6.74 -11.04 2.23
C HIS A 308 -7.44 -10.78 0.91
N ASN A 309 -7.05 -11.51 -0.13
CA ASN A 309 -7.63 -11.35 -1.46
C ASN A 309 -7.44 -9.94 -1.98
N THR A 310 -6.29 -9.36 -1.65
CA THR A 310 -5.86 -8.06 -2.17
C THR A 310 -4.70 -8.27 -3.12
N ALA A 311 -4.50 -7.31 -4.02
CA ALA A 311 -3.43 -7.35 -4.98
C ALA A 311 -2.84 -5.94 -5.10
N GLY A 312 -1.83 -5.81 -5.97
CA GLY A 312 -1.14 -4.56 -6.12
C GLY A 312 0.17 -4.57 -5.36
N PRO A 313 1.00 -3.54 -5.53
CA PRO A 313 2.28 -3.52 -4.81
C PRO A 313 2.10 -3.24 -3.33
N GLU A 314 1.14 -2.39 -2.98
CA GLU A 314 0.86 -2.03 -1.59
C GLU A 314 -0.35 -2.78 -1.04
N CYS A 315 -0.84 -3.77 -1.77
CA CYS A 315 -2.11 -4.42 -1.43
C CYS A 315 -3.20 -3.36 -1.29
N ASP A 316 -3.21 -2.43 -2.23
CA ASP A 316 -4.03 -1.23 -2.17
C ASP A 316 -5.39 -1.39 -2.82
N ARG A 317 -5.74 -2.61 -3.19
CA ARG A 317 -6.94 -2.87 -3.98
C ARG A 317 -7.37 -4.33 -3.77
N CYS A 318 -8.53 -4.66 -4.33
CA CYS A 318 -9.06 -6.01 -4.27
C CYS A 318 -8.68 -6.83 -5.50
N LYS A 319 -8.61 -8.12 -5.31
CA LYS A 319 -8.12 -9.11 -6.28
C LYS A 319 -9.26 -9.51 -7.22
N PRO A 320 -8.99 -9.92 -8.47
CA PRO A 320 -10.10 -10.05 -9.43
C PRO A 320 -11.26 -10.86 -8.88
N PHE A 321 -12.47 -10.45 -9.25
CA PHE A 321 -13.70 -11.12 -8.88
C PHE A 321 -13.91 -11.13 -7.36
N HIS A 322 -13.16 -10.33 -6.61
CA HIS A 322 -13.34 -10.20 -5.18
C HIS A 322 -13.84 -8.81 -4.80
N TYR A 323 -14.81 -8.31 -5.56
CA TYR A 323 -15.27 -6.93 -5.43
C TYR A 323 -16.62 -6.81 -4.73
N ASP A 324 -17.01 -7.77 -3.91
CA ASP A 324 -18.29 -7.61 -3.24
C ASP A 324 -18.25 -6.50 -2.20
N ARG A 325 -17.08 -6.12 -1.72
CA ARG A 325 -16.92 -5.10 -0.69
C ARG A 325 -15.80 -4.17 -1.09
N PRO A 326 -15.91 -2.86 -0.80
CA PRO A 326 -14.84 -1.95 -1.21
C PRO A 326 -13.56 -2.26 -0.46
N TRP A 327 -12.44 -1.93 -1.11
CA TRP A 327 -11.14 -2.07 -0.46
C TRP A 327 -11.00 -0.98 0.61
N GLN A 328 -10.99 -1.40 1.87
CA GLN A 328 -10.59 -0.55 2.98
C GLN A 328 -9.27 -1.09 3.51
N ARG A 329 -8.45 -0.18 4.02
CA ARG A 329 -7.19 -0.59 4.64
C ARG A 329 -7.49 -1.30 5.95
N ALA A 330 -6.75 -2.37 6.21
CA ALA A 330 -6.95 -3.15 7.43
C ALA A 330 -6.58 -2.32 8.63
N THR A 331 -7.52 -2.17 9.55
CA THR A 331 -7.23 -1.64 10.88
C THR A 331 -7.02 -2.82 11.83
N ALA A 332 -6.77 -2.50 13.10
CA ALA A 332 -6.62 -3.55 14.10
C ALA A 332 -7.97 -4.18 14.45
N ARG A 333 -9.07 -3.48 14.15
CA ARG A 333 -10.40 -3.99 14.52
C ARG A 333 -10.92 -4.98 13.48
N GLU A 334 -11.06 -4.53 12.23
CA GLU A 334 -11.62 -5.33 11.14
C GLU A 334 -10.57 -5.48 10.06
N ALA A 335 -10.30 -6.72 9.65
CA ALA A 335 -9.25 -6.98 8.68
C ALA A 335 -9.60 -6.49 7.28
N ASN A 336 -10.85 -6.10 7.03
CA ASN A 336 -11.26 -5.46 5.79
C ASN A 336 -10.66 -6.16 4.57
N GLU A 337 -10.81 -7.48 4.55
CA GLU A 337 -10.42 -8.27 3.40
C GLU A 337 -11.35 -8.01 2.22
N CYS A 338 -11.00 -8.60 1.08
CA CYS A 338 -11.79 -8.49 -0.15
C CYS A 338 -12.62 -9.76 -0.31
N VAL A 339 -13.94 -9.62 -0.14
CA VAL A 339 -14.85 -10.75 -0.23
C VAL A 339 -15.30 -10.90 -1.68
N ALA A 340 -15.27 -12.14 -2.17
CA ALA A 340 -15.68 -12.39 -3.55
C ALA A 340 -17.19 -12.23 -3.71
N CYS A 341 -17.57 -11.50 -4.74
CA CYS A 341 -18.96 -11.49 -5.18
C CYS A 341 -19.40 -12.90 -5.55
N ASN A 342 -20.71 -13.11 -5.54
CA ASN A 342 -21.31 -14.41 -5.80
C ASN A 342 -22.07 -14.36 -7.11
N CYS A 343 -21.76 -15.31 -8.00
CA CYS A 343 -22.44 -15.44 -9.28
C CYS A 343 -22.97 -16.84 -9.49
N ASN A 344 -23.06 -17.64 -8.44
CA ASN A 344 -23.57 -19.01 -8.51
C ASN A 344 -22.96 -19.76 -9.69
N LEU A 345 -21.68 -19.49 -9.95
CA LEU A 345 -20.88 -20.24 -10.92
C LEU A 345 -21.38 -20.05 -12.35
N HIS A 346 -21.89 -18.85 -12.67
CA HIS A 346 -22.34 -18.57 -14.02
C HIS A 346 -21.76 -17.27 -14.56
N ALA A 347 -20.65 -16.79 -13.99
CA ALA A 347 -19.99 -15.60 -14.51
C ALA A 347 -18.52 -15.65 -14.14
N ARG A 348 -17.66 -15.30 -15.10
CA ARG A 348 -16.23 -15.26 -14.85
C ARG A 348 -15.80 -13.92 -14.26
N ARG A 349 -16.36 -12.83 -14.77
CA ARG A 349 -16.03 -11.47 -14.32
C ARG A 349 -17.08 -10.97 -13.33
N CYS A 350 -16.80 -9.81 -12.74
CA CYS A 350 -17.68 -9.26 -11.71
C CYS A 350 -17.34 -7.79 -11.48
N ARG A 351 -18.30 -7.08 -10.91
CA ARG A 351 -18.18 -5.64 -10.69
C ARG A 351 -18.84 -5.26 -9.36
N PHE A 352 -18.44 -4.11 -8.83
CA PHE A 352 -18.93 -3.56 -7.57
C PHE A 352 -19.71 -2.28 -7.82
N ASN A 353 -20.85 -2.12 -7.14
CA ASN A 353 -21.56 -0.86 -7.11
C ASN A 353 -21.63 -0.34 -5.68
N MET A 354 -21.17 0.91 -5.49
CA MET A 354 -21.10 1.49 -4.15
C MET A 354 -22.49 1.80 -3.61
N GLU A 355 -23.40 2.27 -4.48
CA GLU A 355 -24.78 2.43 -4.06
C GLU A 355 -25.31 1.13 -3.47
N LEU A 356 -25.12 0.03 -4.19
CA LEU A 356 -25.53 -1.30 -3.72
C LEU A 356 -24.99 -1.56 -2.31
N TYR A 357 -23.70 -1.32 -2.09
CA TYR A 357 -23.12 -1.48 -0.76
C TYR A 357 -23.79 -0.55 0.24
N LYS A 358 -23.95 0.73 -0.12
CA LYS A 358 -24.57 1.69 0.78
C LYS A 358 -26.05 1.36 1.00
N LEU A 359 -26.71 0.80 -0.02
CA LEU A 359 -28.14 0.51 0.09
C LEU A 359 -28.41 -0.68 0.99
N SER A 360 -27.46 -1.61 1.11
CA SER A 360 -27.56 -2.68 2.10
C SER A 360 -27.16 -2.10 3.45
N GLY A 361 -26.88 -2.96 4.42
CA GLY A 361 -26.30 -2.49 5.65
C GLY A 361 -24.79 -2.40 5.55
N ARG A 362 -24.29 -1.75 4.49
CA ARG A 362 -22.87 -1.80 4.14
C ARG A 362 -22.40 -3.26 4.13
N LYS A 363 -23.27 -4.15 3.67
CA LYS A 363 -22.97 -5.58 3.67
C LYS A 363 -22.32 -6.04 2.38
N SER A 364 -22.99 -5.81 1.25
CA SER A 364 -22.55 -6.38 -0.02
C SER A 364 -22.93 -5.43 -1.15
N GLY A 365 -22.11 -5.42 -2.19
CA GLY A 365 -22.34 -4.55 -3.33
C GLY A 365 -21.79 -5.11 -4.63
N GLY A 366 -21.66 -6.44 -4.70
CA GLY A 366 -21.11 -7.08 -5.87
C GLY A 366 -22.16 -7.34 -6.93
N VAL A 367 -21.68 -7.47 -8.17
CA VAL A 367 -22.56 -7.64 -9.33
C VAL A 367 -21.85 -8.51 -10.36
N CYS A 368 -22.63 -9.33 -11.06
CA CYS A 368 -22.10 -10.32 -12.00
C CYS A 368 -22.33 -9.86 -13.43
N LEU A 369 -21.55 -10.45 -14.34
CA LEU A 369 -21.43 -9.97 -15.71
C LEU A 369 -21.56 -11.13 -16.69
N ASN A 370 -22.45 -10.97 -17.66
CA ASN A 370 -22.65 -11.94 -18.73
C ASN A 370 -22.90 -13.34 -18.16
N CYS A 371 -23.92 -13.44 -17.31
CA CYS A 371 -24.31 -14.73 -16.75
C CYS A 371 -24.47 -15.75 -17.87
N ARG A 372 -23.68 -16.82 -17.82
CA ARG A 372 -23.42 -17.62 -19.00
C ARG A 372 -24.39 -18.78 -19.20
N HIS A 373 -24.79 -19.46 -18.12
CA HIS A 373 -25.56 -20.70 -18.25
C HIS A 373 -27.07 -20.42 -18.29
N ASN A 374 -27.47 -19.60 -19.26
CA ASN A 374 -28.85 -19.16 -19.41
C ASN A 374 -29.41 -18.59 -18.12
N THR A 375 -28.54 -18.12 -17.24
CA THR A 375 -28.92 -17.45 -16.02
C THR A 375 -28.91 -15.95 -16.23
N ALA A 376 -29.57 -15.24 -15.33
CA ALA A 376 -29.45 -13.79 -15.26
C ALA A 376 -29.79 -13.36 -13.84
N GLY A 377 -29.62 -12.08 -13.58
CA GLY A 377 -29.76 -11.52 -12.26
C GLY A 377 -28.45 -10.94 -11.75
N ARG A 378 -28.57 -10.20 -10.64
CA ARG A 378 -27.39 -9.68 -9.98
C ARG A 378 -26.37 -10.78 -9.73
N HIS A 379 -26.80 -11.85 -9.07
CA HIS A 379 -25.94 -12.99 -8.77
C HIS A 379 -26.13 -14.14 -9.75
N CYS A 380 -26.69 -13.88 -10.93
CA CYS A 380 -27.14 -14.96 -11.82
C CYS A 380 -28.06 -15.90 -11.05
N HIS A 381 -28.87 -15.33 -10.16
CA HIS A 381 -29.61 -16.17 -9.22
C HIS A 381 -30.81 -16.85 -9.87
N TYR A 382 -31.50 -16.17 -10.78
CA TYR A 382 -32.71 -16.73 -11.40
C TYR A 382 -32.44 -17.15 -12.83
N CYS A 383 -33.41 -17.87 -13.40
CA CYS A 383 -33.31 -18.39 -14.76
C CYS A 383 -33.97 -17.43 -15.74
N LYS A 384 -33.30 -17.20 -16.87
CA LYS A 384 -33.76 -16.20 -17.82
C LYS A 384 -35.16 -16.57 -18.33
N GLU A 385 -35.81 -15.60 -18.99
CA GLU A 385 -37.04 -15.91 -19.69
C GLU A 385 -36.76 -16.95 -20.77
N GLY A 386 -37.78 -17.72 -21.12
CA GLY A 386 -37.58 -18.83 -22.01
C GLY A 386 -36.99 -20.06 -21.35
N PHE A 387 -36.68 -19.98 -20.07
CA PHE A 387 -36.23 -21.13 -19.30
C PHE A 387 -36.90 -21.10 -17.93
N TYR A 388 -36.56 -22.08 -17.10
CA TYR A 388 -37.18 -22.26 -15.81
C TYR A 388 -36.21 -23.03 -14.93
N ARG A 389 -36.28 -22.77 -13.63
CA ARG A 389 -35.32 -23.36 -12.70
C ARG A 389 -35.57 -24.86 -12.60
N ASP A 390 -34.67 -25.65 -13.20
CA ASP A 390 -34.65 -27.08 -12.98
C ASP A 390 -34.49 -27.30 -11.47
N MET A 391 -35.57 -27.69 -10.80
CA MET A 391 -35.56 -27.73 -9.35
C MET A 391 -34.76 -28.91 -8.82
N GLY A 392 -34.57 -29.94 -9.65
CA GLY A 392 -33.80 -31.09 -9.23
C GLY A 392 -32.33 -30.77 -9.05
N LYS A 393 -31.76 -30.01 -9.97
CA LYS A 393 -30.38 -29.61 -9.83
C LYS A 393 -30.28 -28.44 -8.86
N PRO A 394 -29.12 -28.23 -8.26
CA PRO A 394 -28.91 -27.03 -7.44
C PRO A 394 -28.45 -25.85 -8.29
N ILE A 395 -28.82 -24.65 -7.84
CA ILE A 395 -28.61 -23.44 -8.63
C ILE A 395 -27.18 -23.37 -9.16
N THR A 396 -26.21 -23.86 -8.38
CA THR A 396 -24.83 -23.78 -8.80
C THR A 396 -24.55 -24.66 -10.02
N HIS A 397 -25.32 -25.73 -10.19
CA HIS A 397 -25.05 -26.67 -11.27
C HIS A 397 -25.15 -25.98 -12.62
N ARG A 398 -24.32 -26.43 -13.56
CA ARG A 398 -24.28 -25.84 -14.88
C ARG A 398 -25.67 -25.76 -15.51
N LYS A 399 -26.54 -26.73 -15.18
CA LYS A 399 -27.77 -26.95 -15.92
C LYS A 399 -29.02 -26.78 -15.06
N ALA A 400 -28.94 -26.01 -13.99
CA ALA A 400 -30.16 -25.76 -13.22
C ALA A 400 -31.15 -24.90 -13.97
N CYS A 401 -30.78 -24.37 -15.14
CA CYS A 401 -31.68 -23.66 -16.04
C CYS A 401 -32.04 -24.61 -17.18
N LYS A 402 -33.31 -25.00 -17.26
CA LYS A 402 -33.82 -25.91 -18.30
C LYS A 402 -34.78 -25.16 -19.22
N ALA A 403 -34.89 -25.66 -20.45
CA ALA A 403 -35.58 -24.94 -21.51
C ALA A 403 -37.05 -25.35 -21.64
N CYS A 404 -37.77 -24.62 -22.49
CA CYS A 404 -39.22 -24.78 -22.63
C CYS A 404 -39.53 -25.59 -23.88
N ASP A 405 -39.52 -26.92 -23.74
CA ASP A 405 -40.14 -27.77 -24.75
C ASP A 405 -41.57 -28.03 -24.31
N CYS A 406 -42.36 -26.96 -24.34
CA CYS A 406 -43.76 -26.99 -23.96
C CYS A 406 -44.58 -27.62 -25.08
N HIS A 407 -45.82 -27.96 -24.78
CA HIS A 407 -46.57 -28.70 -25.80
C HIS A 407 -47.21 -27.74 -26.80
N PRO A 408 -47.05 -27.99 -28.10
CA PRO A 408 -47.56 -27.05 -29.11
C PRO A 408 -49.08 -26.94 -29.11
N VAL A 409 -49.75 -28.09 -29.08
CA VAL A 409 -51.20 -28.08 -29.05
C VAL A 409 -51.70 -27.83 -27.64
N GLY A 410 -51.11 -28.53 -26.67
CA GLY A 410 -51.59 -28.47 -25.30
C GLY A 410 -51.58 -27.07 -24.74
N ALA A 411 -50.39 -26.47 -24.66
CA ALA A 411 -50.25 -25.19 -24.00
C ALA A 411 -50.67 -24.04 -24.90
N ALA A 412 -51.10 -22.95 -24.27
CA ALA A 412 -51.55 -21.76 -24.98
C ALA A 412 -50.43 -20.74 -25.19
N GLY A 413 -49.18 -21.12 -24.97
CA GLY A 413 -48.08 -20.19 -25.12
C GLY A 413 -46.75 -20.89 -25.17
N LYS A 414 -45.72 -20.12 -25.50
CA LYS A 414 -44.37 -20.66 -25.69
C LYS A 414 -43.51 -20.60 -24.43
N THR A 415 -43.76 -19.64 -23.54
CA THR A 415 -42.84 -19.34 -22.45
C THR A 415 -43.29 -19.97 -21.14
N CYS A 416 -42.32 -20.48 -20.38
CA CYS A 416 -42.56 -21.12 -19.10
C CYS A 416 -42.72 -20.08 -17.99
N ASN A 417 -43.22 -20.55 -16.84
CA ASN A 417 -42.91 -19.89 -15.57
C ASN A 417 -41.41 -20.02 -15.33
N GLN A 418 -40.79 -18.95 -14.88
CA GLN A 418 -39.33 -18.89 -14.80
C GLN A 418 -38.79 -19.59 -13.56
N THR A 419 -39.68 -20.09 -12.70
CA THR A 419 -39.32 -20.93 -11.57
C THR A 419 -39.76 -22.37 -11.79
N THR A 420 -41.05 -22.56 -12.04
CA THR A 420 -41.69 -23.86 -11.96
C THR A 420 -41.81 -24.55 -13.31
N GLY A 421 -41.78 -23.80 -14.41
CA GLY A 421 -41.83 -24.35 -15.74
C GLY A 421 -43.22 -24.39 -16.35
N GLN A 422 -44.26 -24.25 -15.52
CA GLN A 422 -45.63 -24.42 -16.00
C GLN A 422 -45.90 -23.54 -17.20
N CYS A 423 -46.35 -24.15 -18.28
CA CYS A 423 -46.80 -23.39 -19.43
C CYS A 423 -48.27 -23.03 -19.27
N PRO A 424 -48.76 -22.08 -20.08
CA PRO A 424 -50.19 -21.72 -20.02
C PRO A 424 -51.05 -22.77 -20.68
N CYS A 425 -51.69 -23.58 -19.85
CA CYS A 425 -52.48 -24.69 -20.36
C CYS A 425 -53.76 -24.16 -21.00
N LYS A 426 -54.12 -24.74 -22.14
CA LYS A 426 -55.44 -24.53 -22.69
C LYS A 426 -56.47 -25.06 -21.68
N ASP A 427 -57.73 -24.78 -21.95
CA ASP A 427 -58.73 -24.83 -20.88
C ASP A 427 -58.77 -26.19 -20.19
N GLY A 428 -58.59 -27.27 -20.94
CA GLY A 428 -58.78 -28.59 -20.38
C GLY A 428 -57.52 -29.40 -20.15
N VAL A 429 -56.39 -28.86 -20.54
CA VAL A 429 -55.12 -29.58 -20.49
C VAL A 429 -54.43 -29.29 -19.15
N THR A 430 -53.75 -30.31 -18.65
CA THR A 430 -52.99 -30.26 -17.39
C THR A 430 -51.58 -30.76 -17.69
N GLY A 431 -50.68 -30.52 -16.76
CA GLY A 431 -49.28 -30.88 -16.94
C GLY A 431 -48.40 -29.65 -17.03
N ILE A 432 -47.11 -29.86 -16.73
CA ILE A 432 -46.16 -28.75 -16.78
C ILE A 432 -45.92 -28.36 -18.23
N THR A 433 -45.81 -29.35 -19.12
CA THR A 433 -45.78 -29.13 -20.55
C THR A 433 -47.15 -28.82 -21.13
N CYS A 434 -48.21 -28.97 -20.33
CA CYS A 434 -49.58 -29.07 -20.85
C CYS A 434 -49.64 -30.15 -21.92
N ASN A 435 -49.08 -31.31 -21.58
CA ASN A 435 -48.98 -32.45 -22.48
C ASN A 435 -49.86 -33.61 -22.06
N ARG A 436 -50.97 -33.33 -21.39
CA ARG A 436 -51.93 -34.38 -21.10
C ARG A 436 -53.23 -33.78 -20.60
N CYS A 437 -54.33 -34.43 -20.97
CA CYS A 437 -55.65 -33.91 -20.66
C CYS A 437 -55.92 -34.05 -19.17
N ALA A 438 -56.59 -33.06 -18.60
CA ALA A 438 -57.10 -33.19 -17.24
C ALA A 438 -58.01 -34.40 -17.16
N LYS A 439 -58.10 -34.99 -15.98
CA LYS A 439 -59.14 -35.98 -15.74
C LYS A 439 -60.49 -35.38 -16.05
N GLY A 440 -61.43 -36.22 -16.47
CA GLY A 440 -62.74 -35.75 -16.86
C GLY A 440 -62.77 -35.05 -18.20
N TYR A 441 -61.74 -35.21 -19.01
CA TYR A 441 -61.66 -34.62 -20.33
C TYR A 441 -61.15 -35.68 -21.30
N GLN A 442 -61.52 -35.54 -22.57
CA GLN A 442 -61.24 -36.56 -23.57
C GLN A 442 -60.44 -35.95 -24.71
N GLN A 443 -59.35 -36.62 -25.09
CA GLN A 443 -58.45 -36.09 -26.08
C GLN A 443 -59.12 -36.09 -27.45
N SER A 444 -59.28 -34.91 -28.04
CA SER A 444 -59.71 -34.81 -29.43
C SER A 444 -58.49 -34.80 -30.35
N ARG A 445 -58.73 -34.99 -31.65
CA ARG A 445 -57.67 -34.84 -32.62
C ARG A 445 -57.42 -33.37 -32.94
N SER A 446 -58.18 -32.48 -32.42
CA SER A 446 -58.07 -31.10 -32.84
C SER A 446 -56.87 -30.45 -32.16
N PRO A 447 -56.04 -29.71 -32.91
CA PRO A 447 -55.00 -28.89 -32.25
C PRO A 447 -55.58 -27.72 -31.51
N ILE A 448 -56.58 -27.04 -32.09
CA ILE A 448 -57.17 -25.87 -31.46
C ILE A 448 -57.64 -26.22 -30.05
N ALA A 449 -58.48 -27.25 -29.93
CA ALA A 449 -58.91 -27.74 -28.62
C ALA A 449 -58.87 -29.26 -28.55
N PRO A 450 -57.85 -29.84 -27.92
CA PRO A 450 -57.99 -31.22 -27.42
C PRO A 450 -58.59 -31.21 -26.03
N CYS A 451 -58.76 -32.38 -25.40
CA CYS A 451 -59.12 -32.46 -23.98
C CYS A 451 -60.45 -31.79 -23.67
N ILE A 452 -61.49 -32.23 -24.36
CA ILE A 452 -62.84 -31.68 -24.18
C ILE A 452 -63.53 -32.33 -22.98
N LYS A 453 -64.47 -31.57 -22.44
CA LYS A 453 -65.24 -31.96 -21.28
C LYS A 453 -66.10 -33.18 -21.57
N ILE A 454 -65.94 -34.22 -20.76
CA ILE A 454 -67.00 -35.22 -20.68
C ILE A 454 -68.07 -34.71 -19.73
N PRO A 455 -69.31 -34.68 -20.14
CA PRO A 455 -70.40 -34.42 -19.19
C PRO A 455 -71.05 -35.72 -18.71
N VAL A 456 -71.94 -35.62 -17.73
CA VAL A 456 -72.59 -36.81 -17.20
C VAL A 456 -73.99 -36.42 -16.71
#